data_1KCO
#
_entry.id   1KCO
#
_entity_poly.entity_id   1
_entity_poly.type   'polypeptide(L)'
_entity_poly.pdbx_seq_one_letter_code
;VQCPHFCYELDYELCPDVCYV(NH2)
;
_entity_poly.pdbx_strand_id   A
#
loop_
_chem_comp.id
_chem_comp.type
_chem_comp.name
_chem_comp.formula
NH2 non-polymer 'AMINO GROUP' 'H2 N'
#
# COMPACT_ATOMS: atom_id res chain seq x y z
N VAL A 1 3.61 -9.59 -0.65
CA VAL A 1 3.32 -8.58 -1.68
C VAL A 1 4.55 -7.72 -1.95
N GLN A 2 4.77 -7.35 -3.22
CA GLN A 2 5.88 -6.50 -3.65
C GLN A 2 5.56 -5.02 -3.38
N CYS A 3 5.30 -4.69 -2.11
CA CYS A 3 4.85 -3.38 -1.67
C CYS A 3 5.36 -3.11 -0.25
N PRO A 4 5.90 -1.92 0.04
CA PRO A 4 6.49 -1.61 1.34
C PRO A 4 5.43 -1.39 2.43
N HIS A 5 5.88 -1.38 3.67
CA HIS A 5 5.06 -1.39 4.88
C HIS A 5 4.16 -0.16 5.01
N PHE A 6 4.71 1.04 4.78
CA PHE A 6 4.03 2.31 5.01
C PHE A 6 2.69 2.41 4.26
N CYS A 7 2.59 1.77 3.10
CA CYS A 7 1.38 1.70 2.29
C CYS A 7 0.19 1.16 3.09
N TYR A 8 0.45 0.27 4.06
CA TYR A 8 -0.58 -0.39 4.85
C TYR A 8 -0.76 0.28 6.21
N GLU A 9 0.05 1.29 6.53
CA GLU A 9 -0.15 2.15 7.68
C GLU A 9 -1.03 3.32 7.24
N LEU A 10 -0.64 3.96 6.13
CA LEU A 10 -1.42 4.95 5.41
C LEU A 10 -2.26 4.19 4.38
N ASP A 11 -3.27 3.46 4.87
CA ASP A 11 -4.07 2.49 4.13
C ASP A 11 -4.68 3.03 2.83
N TYR A 12 -5.04 4.32 2.78
CA TYR A 12 -5.53 4.96 1.57
C TYR A 12 -4.51 4.80 0.43
N GLU A 13 -5.00 4.73 -0.81
CA GLU A 13 -4.20 4.34 -1.96
C GLU A 13 -3.28 5.45 -2.49
N LEU A 14 -2.31 5.86 -1.68
CA LEU A 14 -1.20 6.71 -2.12
C LEU A 14 -0.14 5.87 -2.83
N CYS A 15 -0.08 4.57 -2.52
CA CYS A 15 0.74 3.58 -3.21
C CYS A 15 -0.10 2.98 -4.35
N PRO A 16 0.52 2.37 -5.38
CA PRO A 16 -0.20 1.78 -6.49
C PRO A 16 -1.11 0.65 -6.03
N ASP A 17 -2.24 0.48 -6.75
CA ASP A 17 -3.34 -0.40 -6.41
C ASP A 17 -2.91 -1.84 -6.14
N VAL A 18 -1.85 -2.32 -6.82
CA VAL A 18 -1.29 -3.65 -6.67
C VAL A 18 -1.04 -4.05 -5.20
N CYS A 19 -0.67 -3.07 -4.36
CA CYS A 19 -0.49 -3.26 -2.92
C CYS A 19 -1.74 -3.85 -2.27
N TYR A 20 -2.91 -3.30 -2.58
CA TYR A 20 -4.16 -3.58 -1.89
C TYR A 20 -4.97 -4.60 -2.68
N VAL A 21 -5.21 -4.31 -3.96
CA VAL A 21 -5.86 -5.19 -4.92
C VAL A 21 -4.84 -5.58 -5.98
N NH2 A 22 -3.87 -6.41 -5.59
HN1 NH2 A 22 -3.86 -6.74 -4.64
HN2 NH2 A 22 -3.15 -6.69 -6.24
N VAL A 1 2.69 -10.77 -4.21
CA VAL A 1 3.69 -9.81 -3.68
C VAL A 1 3.02 -8.69 -2.90
N GLN A 2 3.80 -7.99 -2.06
CA GLN A 2 3.38 -6.83 -1.29
C GLN A 2 4.43 -5.74 -1.40
N CYS A 3 4.00 -4.49 -1.16
CA CYS A 3 4.78 -3.27 -1.27
C CYS A 3 5.38 -2.94 0.11
N PRO A 4 6.12 -1.83 0.27
CA PRO A 4 6.66 -1.42 1.56
C PRO A 4 5.58 -1.24 2.62
N HIS A 5 5.97 -1.42 3.89
CA HIS A 5 5.08 -1.41 5.05
C HIS A 5 4.17 -0.18 5.09
N PHE A 6 4.75 1.01 4.84
CA PHE A 6 4.06 2.29 4.98
C PHE A 6 2.80 2.39 4.12
N CYS A 7 2.74 1.67 3.00
CA CYS A 7 1.55 1.58 2.16
C CYS A 7 0.32 1.18 2.97
N TYR A 8 0.52 0.26 3.94
CA TYR A 8 -0.56 -0.35 4.71
C TYR A 8 -0.73 0.31 6.08
N GLU A 9 0.18 1.21 6.47
CA GLU A 9 0.05 2.01 7.68
C GLU A 9 -0.71 3.30 7.35
N LEU A 10 -0.28 3.99 6.29
CA LEU A 10 -0.91 5.20 5.79
C LEU A 10 -2.22 4.81 5.12
N ASP A 11 -3.35 5.21 5.72
CA ASP A 11 -4.70 4.88 5.27
C ASP A 11 -4.92 5.35 3.82
N TYR A 12 -4.51 6.58 3.51
CA TYR A 12 -4.54 7.10 2.16
C TYR A 12 -3.56 6.29 1.30
N GLU A 13 -4.05 5.74 0.18
CA GLU A 13 -3.27 4.84 -0.66
C GLU A 13 -2.35 5.61 -1.59
N LEU A 14 -1.25 6.13 -1.03
CA LEU A 14 -0.16 6.74 -1.79
C LEU A 14 0.50 5.74 -2.75
N CYS A 15 0.43 4.45 -2.43
CA CYS A 15 1.00 3.37 -3.23
C CYS A 15 -0.04 2.90 -4.26
N PRO A 16 0.36 2.28 -5.37
CA PRO A 16 -0.55 1.87 -6.42
C PRO A 16 -1.47 0.71 -5.97
N ASP A 17 -2.61 0.57 -6.65
CA ASP A 17 -3.68 -0.36 -6.34
C ASP A 17 -3.19 -1.81 -6.17
N VAL A 18 -2.24 -2.24 -7.00
CA VAL A 18 -1.66 -3.58 -6.99
C VAL A 18 -1.16 -4.00 -5.61
N CYS A 19 -0.68 -3.04 -4.81
CA CYS A 19 -0.23 -3.28 -3.44
C CYS A 19 -1.33 -3.88 -2.58
N TYR A 20 -2.58 -3.43 -2.79
CA TYR A 20 -3.72 -3.77 -1.96
C TYR A 20 -4.54 -4.89 -2.63
N VAL A 21 -3.84 -5.87 -3.20
CA VAL A 21 -4.46 -7.05 -3.82
C VAL A 21 -5.02 -7.96 -2.73
N NH2 A 22 -6.19 -8.56 -2.99
HN1 NH2 A 22 -6.60 -9.17 -2.30
HN2 NH2 A 22 -6.66 -8.40 -3.87
N VAL A 1 1.76 -8.14 -5.87
CA VAL A 1 3.09 -8.70 -6.15
C VAL A 1 4.05 -8.39 -5.01
N GLN A 2 4.33 -7.11 -4.78
CA GLN A 2 5.19 -6.62 -3.72
C GLN A 2 4.79 -5.19 -3.39
N CYS A 3 4.78 -4.85 -2.09
CA CYS A 3 4.38 -3.55 -1.59
C CYS A 3 5.14 -3.25 -0.30
N PRO A 4 5.69 -2.04 -0.13
CA PRO A 4 6.41 -1.66 1.09
C PRO A 4 5.44 -1.43 2.25
N HIS A 5 5.98 -1.51 3.47
CA HIS A 5 5.21 -1.53 4.72
C HIS A 5 4.36 -0.28 4.92
N PHE A 6 4.94 0.91 4.67
CA PHE A 6 4.32 2.19 4.98
C PHE A 6 2.92 2.35 4.36
N CYS A 7 2.69 1.75 3.19
CA CYS A 7 1.40 1.77 2.50
C CYS A 7 0.26 1.27 3.39
N TYR A 8 0.56 0.35 4.31
CA TYR A 8 -0.42 -0.27 5.19
C TYR A 8 -0.44 0.38 6.59
N GLU A 9 0.52 1.27 6.87
CA GLU A 9 0.54 2.06 8.11
C GLU A 9 -0.24 3.35 7.90
N LEU A 10 0.04 4.04 6.79
CA LEU A 10 -0.68 5.22 6.36
C LEU A 10 -2.10 4.80 5.95
N ASP A 11 -3.11 5.24 6.71
CA ASP A 11 -4.50 4.84 6.55
C ASP A 11 -5.17 5.68 5.46
N TYR A 12 -4.60 5.64 4.26
CA TYR A 12 -5.12 6.26 3.05
C TYR A 12 -4.35 5.67 1.86
N GLU A 13 -5.05 5.45 0.74
CA GLU A 13 -4.52 4.70 -0.39
C GLU A 13 -3.64 5.57 -1.30
N LEU A 14 -2.46 5.95 -0.81
CA LEU A 14 -1.46 6.68 -1.59
C LEU A 14 -0.74 5.78 -2.61
N CYS A 15 -0.62 4.48 -2.31
CA CYS A 15 0.16 3.53 -3.10
C CYS A 15 -0.74 2.89 -4.19
N PRO A 16 -0.16 2.38 -5.28
CA PRO A 16 -0.93 1.80 -6.38
C PRO A 16 -1.51 0.42 -6.03
N ASP A 17 -2.31 -0.13 -6.97
CA ASP A 17 -3.08 -1.35 -6.82
C ASP A 17 -2.25 -2.57 -6.40
N VAL A 18 -0.94 -2.59 -6.69
CA VAL A 18 -0.05 -3.66 -6.26
C VAL A 18 -0.16 -3.91 -4.75
N CYS A 19 -0.41 -2.85 -3.98
CA CYS A 19 -0.64 -2.91 -2.55
C CYS A 19 -2.09 -3.32 -2.26
N TYR A 20 -3.03 -2.62 -2.88
CA TYR A 20 -4.46 -2.72 -2.62
C TYR A 20 -5.11 -3.49 -3.77
N VAL A 21 -4.75 -4.77 -3.90
CA VAL A 21 -5.16 -5.62 -5.00
C VAL A 21 -6.67 -5.82 -4.99
N NH2 A 22 -7.39 -5.12 -5.87
HN1 NH2 A 22 -8.38 -5.22 -5.90
HN2 NH2 A 22 -6.91 -4.48 -6.50
N VAL A 1 1.61 -7.95 2.79
CA VAL A 1 2.61 -6.89 2.57
C VAL A 1 3.36 -7.15 1.25
N GLN A 2 2.78 -6.68 0.14
CA GLN A 2 3.35 -6.82 -1.19
C GLN A 2 4.37 -5.70 -1.42
N CYS A 3 3.94 -4.46 -1.18
CA CYS A 3 4.72 -3.24 -1.30
C CYS A 3 5.33 -2.91 0.07
N PRO A 4 6.09 -1.80 0.23
CA PRO A 4 6.64 -1.41 1.52
C PRO A 4 5.57 -1.24 2.60
N HIS A 5 5.97 -1.46 3.85
CA HIS A 5 5.10 -1.45 5.03
C HIS A 5 4.22 -0.20 5.09
N PHE A 6 4.79 0.98 4.84
CA PHE A 6 4.13 2.27 5.00
C PHE A 6 2.85 2.38 4.17
N CYS A 7 2.76 1.67 3.03
CA CYS A 7 1.57 1.61 2.21
C CYS A 7 0.34 1.21 3.05
N TYR A 8 0.53 0.29 4.00
CA TYR A 8 -0.54 -0.32 4.78
C TYR A 8 -0.68 0.33 6.16
N GLU A 9 0.26 1.20 6.55
CA GLU A 9 0.16 1.99 7.78
C GLU A 9 -0.58 3.29 7.47
N LEU A 10 -0.15 3.99 6.42
CA LEU A 10 -0.76 5.22 5.94
C LEU A 10 -2.12 4.88 5.33
N ASP A 11 -3.19 5.35 5.97
CA ASP A 11 -4.57 5.09 5.59
C ASP A 11 -4.85 5.55 4.15
N TYR A 12 -4.35 6.73 3.80
CA TYR A 12 -4.43 7.25 2.43
C TYR A 12 -3.56 6.41 1.52
N GLU A 13 -4.14 5.96 0.40
CA GLU A 13 -3.54 4.97 -0.50
C GLU A 13 -2.56 5.64 -1.46
N LEU A 14 -1.42 6.10 -0.92
CA LEU A 14 -0.33 6.71 -1.69
C LEU A 14 0.30 5.73 -2.68
N CYS A 15 0.26 4.42 -2.38
CA CYS A 15 0.89 3.38 -3.18
C CYS A 15 -0.13 2.89 -4.24
N PRO A 16 0.33 2.27 -5.34
CA PRO A 16 -0.55 1.83 -6.41
C PRO A 16 -1.45 0.66 -5.99
N ASP A 17 -2.54 0.48 -6.75
CA ASP A 17 -3.61 -0.48 -6.48
C ASP A 17 -3.11 -1.92 -6.33
N VAL A 18 -2.08 -2.30 -7.09
CA VAL A 18 -1.44 -3.61 -7.05
C VAL A 18 -1.05 -4.02 -5.62
N CYS A 19 -0.69 -3.05 -4.77
CA CYS A 19 -0.29 -3.27 -3.39
C CYS A 19 -1.43 -3.85 -2.56
N TYR A 20 -2.65 -3.34 -2.76
CA TYR A 20 -3.80 -3.63 -1.92
C TYR A 20 -4.67 -4.70 -2.55
N VAL A 21 -5.16 -4.43 -3.77
CA VAL A 21 -5.96 -5.36 -4.55
C VAL A 21 -5.01 -6.30 -5.32
N NH2 A 22 -4.03 -5.72 -6.00
HN1 NH2 A 22 -3.36 -6.29 -6.50
HN2 NH2 A 22 -3.92 -4.71 -5.99
N VAL A 1 3.57 -6.03 2.50
CA VAL A 1 4.69 -6.91 2.90
C VAL A 1 5.67 -7.04 1.75
N GLN A 2 5.22 -7.62 0.63
CA GLN A 2 5.98 -7.70 -0.62
C GLN A 2 6.27 -6.29 -1.15
N CYS A 3 5.33 -5.36 -0.96
CA CYS A 3 5.45 -3.93 -1.22
C CYS A 3 5.51 -3.24 0.15
N PRO A 4 6.27 -2.14 0.32
CA PRO A 4 6.52 -1.51 1.62
C PRO A 4 5.29 -1.28 2.50
N HIS A 5 5.49 -1.34 3.82
CA HIS A 5 4.43 -1.29 4.81
C HIS A 5 3.68 0.05 4.83
N PHE A 6 4.28 1.13 4.33
CA PHE A 6 3.57 2.40 4.20
C PHE A 6 2.40 2.30 3.21
N CYS A 7 2.40 1.29 2.33
CA CYS A 7 1.29 0.96 1.44
C CYS A 7 0.21 0.15 2.16
N TYR A 8 0.40 -0.19 3.44
CA TYR A 8 -0.51 -1.00 4.24
C TYR A 8 -0.64 -0.36 5.63
N GLU A 9 -1.17 0.87 5.66
CA GLU A 9 -1.39 1.63 6.87
C GLU A 9 -2.89 1.73 7.16
N LEU A 10 -3.63 2.33 6.22
CA LEU A 10 -5.06 2.59 6.36
C LEU A 10 -5.64 2.80 4.95
N ASP A 11 -6.98 2.85 4.87
CA ASP A 11 -7.81 2.97 3.67
C ASP A 11 -7.18 3.79 2.52
N TYR A 12 -6.65 4.99 2.84
CA TYR A 12 -6.09 5.88 1.83
C TYR A 12 -5.06 5.17 0.96
N GLU A 13 -5.21 5.29 -0.37
CA GLU A 13 -4.37 4.63 -1.35
C GLU A 13 -3.14 5.52 -1.64
N LEU A 14 -2.10 5.38 -0.82
CA LEU A 14 -0.84 6.09 -0.97
C LEU A 14 -0.09 5.54 -2.20
N CYS A 15 0.19 4.24 -2.18
CA CYS A 15 0.86 3.53 -3.26
C CYS A 15 -0.19 3.00 -4.25
N PRO A 16 0.21 2.57 -5.47
CA PRO A 16 -0.72 2.01 -6.44
C PRO A 16 -1.52 0.81 -5.91
N ASP A 17 -2.66 0.54 -6.54
CA ASP A 17 -3.65 -0.46 -6.16
C ASP A 17 -3.04 -1.82 -5.84
N VAL A 18 -2.03 -2.25 -6.60
CA VAL A 18 -1.37 -3.54 -6.42
C VAL A 18 -0.85 -3.73 -4.99
N CYS A 19 -0.41 -2.66 -4.32
CA CYS A 19 0.10 -2.70 -2.96
C CYS A 19 -1.02 -2.50 -1.92
N TYR A 20 -2.26 -2.85 -2.26
CA TYR A 20 -3.42 -2.80 -1.38
C TYR A 20 -4.28 -4.04 -1.64
N VAL A 21 -4.68 -4.24 -2.89
CA VAL A 21 -5.51 -5.35 -3.35
C VAL A 21 -4.81 -6.09 -4.50
N NH2 A 22 -5.19 -7.35 -4.73
HN1 NH2 A 22 -4.75 -7.86 -5.47
HN2 NH2 A 22 -5.91 -7.76 -4.16
N VAL A 1 0.47 -6.75 -2.02
CA VAL A 1 1.09 -7.46 -0.89
C VAL A 1 2.56 -7.09 -0.76
N GLN A 2 3.33 -7.34 -1.82
CA GLN A 2 4.77 -7.10 -1.88
C GLN A 2 5.03 -5.62 -2.19
N CYS A 3 4.72 -4.75 -1.24
CA CYS A 3 4.97 -3.31 -1.30
C CYS A 3 5.49 -2.84 0.07
N PRO A 4 6.08 -1.64 0.18
CA PRO A 4 6.60 -1.10 1.43
C PRO A 4 5.57 -1.10 2.57
N HIS A 5 6.08 -1.12 3.80
CA HIS A 5 5.27 -1.18 5.02
C HIS A 5 4.27 -0.02 5.10
N PHE A 6 4.73 1.21 4.80
CA PHE A 6 3.94 2.43 4.97
C PHE A 6 2.65 2.40 4.16
N CYS A 7 2.61 1.67 3.04
CA CYS A 7 1.41 1.45 2.25
C CYS A 7 0.27 0.93 3.12
N TYR A 8 0.60 0.04 4.08
CA TYR A 8 -0.36 -0.67 4.92
C TYR A 8 -0.48 -0.03 6.32
N GLU A 9 0.29 1.03 6.61
CA GLU A 9 0.11 1.83 7.81
C GLU A 9 -0.87 2.94 7.46
N LEU A 10 -0.59 3.65 6.35
CA LEU A 10 -1.50 4.60 5.75
C LEU A 10 -2.40 3.79 4.82
N ASP A 11 -3.34 3.04 5.42
CA ASP A 11 -4.18 2.01 4.81
C ASP A 11 -4.87 2.40 3.50
N TYR A 12 -5.20 3.68 3.31
CA TYR A 12 -5.76 4.19 2.07
C TYR A 12 -4.80 3.96 0.91
N GLU A 13 -5.29 4.11 -0.34
CA GLU A 13 -4.51 3.85 -1.54
C GLU A 13 -3.46 4.94 -1.75
N LEU A 14 -2.36 4.80 -1.02
CA LEU A 14 -1.18 5.65 -1.05
C LEU A 14 -0.24 5.16 -2.15
N CYS A 15 0.02 3.84 -2.13
CA CYS A 15 0.89 3.16 -3.08
C CYS A 15 0.04 2.69 -4.28
N PRO A 16 0.65 2.11 -5.33
CA PRO A 16 -0.09 1.62 -6.49
C PRO A 16 -1.16 0.60 -6.12
N ASP A 17 -2.26 0.59 -6.90
CA ASP A 17 -3.46 -0.21 -6.68
C ASP A 17 -3.15 -1.67 -6.35
N VAL A 18 -2.23 -2.28 -7.10
CA VAL A 18 -1.82 -3.68 -6.96
C VAL A 18 -1.47 -4.06 -5.52
N CYS A 19 -0.88 -3.14 -4.76
CA CYS A 19 -0.50 -3.35 -3.37
C CYS A 19 -1.70 -3.76 -2.51
N TYR A 20 -2.88 -3.18 -2.79
CA TYR A 20 -4.08 -3.33 -2.00
C TYR A 20 -5.02 -4.37 -2.62
N VAL A 21 -5.21 -4.30 -3.95
CA VAL A 21 -6.13 -5.17 -4.68
C VAL A 21 -5.70 -5.31 -6.14
N NH2 A 22 -5.32 -4.21 -6.80
HN1 NH2 A 22 -5.30 -3.32 -6.32
HN2 NH2 A 22 -5.05 -4.27 -7.77
N VAL A 1 3.26 -6.49 3.15
CA VAL A 1 2.75 -7.79 2.65
C VAL A 1 3.12 -8.04 1.18
N GLN A 2 3.30 -6.96 0.39
CA GLN A 2 3.62 -7.03 -1.03
C GLN A 2 4.56 -5.88 -1.36
N CYS A 3 4.09 -4.65 -1.13
CA CYS A 3 4.84 -3.41 -1.25
C CYS A 3 5.39 -3.02 0.13
N PRO A 4 6.11 -1.90 0.29
CA PRO A 4 6.62 -1.47 1.59
C PRO A 4 5.52 -1.27 2.63
N HIS A 5 5.89 -1.43 3.90
CA HIS A 5 4.96 -1.43 5.03
C HIS A 5 4.11 -0.16 5.08
N PHE A 6 4.72 1.01 4.84
CA PHE A 6 4.06 2.31 4.95
C PHE A 6 2.80 2.41 4.09
N CYS A 7 2.73 1.68 2.96
CA CYS A 7 1.54 1.62 2.12
C CYS A 7 0.30 1.28 2.94
N TYR A 8 0.44 0.36 3.90
CA TYR A 8 -0.66 -0.21 4.67
C TYR A 8 -0.82 0.46 6.04
N GLU A 9 0.13 1.31 6.44
CA GLU A 9 0.06 2.10 7.66
C GLU A 9 -0.64 3.42 7.36
N LEU A 10 -0.17 4.12 6.31
CA LEU A 10 -0.74 5.37 5.85
C LEU A 10 -2.08 5.06 5.17
N ASP A 11 -3.18 5.50 5.80
CA ASP A 11 -4.54 5.25 5.34
C ASP A 11 -4.74 5.75 3.90
N TYR A 12 -4.24 6.96 3.61
CA TYR A 12 -4.25 7.54 2.28
C TYR A 12 -3.37 6.70 1.34
N GLU A 13 -3.97 6.18 0.28
CA GLU A 13 -3.34 5.29 -0.67
C GLU A 13 -2.43 6.08 -1.61
N LEU A 14 -1.17 6.28 -1.21
CA LEU A 14 -0.12 6.84 -2.06
C LEU A 14 0.61 5.75 -2.87
N CYS A 15 0.48 4.47 -2.50
CA CYS A 15 1.04 3.34 -3.24
C CYS A 15 -0.01 2.89 -4.27
N PRO A 16 0.40 2.28 -5.39
CA PRO A 16 -0.53 1.86 -6.43
C PRO A 16 -1.43 0.72 -5.94
N ASP A 17 -2.66 0.67 -6.45
CA ASP A 17 -3.72 -0.23 -6.03
C ASP A 17 -3.30 -1.71 -6.02
N VAL A 18 -2.43 -2.10 -6.96
CA VAL A 18 -1.89 -3.46 -7.07
C VAL A 18 -1.26 -3.96 -5.76
N CYS A 19 -0.70 -3.05 -4.95
CA CYS A 19 -0.12 -3.35 -3.65
C CYS A 19 -1.14 -3.96 -2.68
N TYR A 20 -2.41 -3.58 -2.82
CA TYR A 20 -3.47 -3.92 -1.89
C TYR A 20 -4.24 -5.11 -2.46
N VAL A 21 -4.67 -5.02 -3.72
CA VAL A 21 -5.22 -6.15 -4.46
C VAL A 21 -4.09 -6.82 -5.25
N NH2 A 22 -3.10 -7.35 -4.52
HN1 NH2 A 22 -3.13 -7.29 -3.51
HN2 NH2 A 22 -2.32 -7.78 -4.97
N VAL A 1 6.59 -7.65 1.06
CA VAL A 1 7.66 -7.89 0.08
C VAL A 1 7.32 -7.30 -1.29
N GLN A 2 6.06 -7.43 -1.72
CA GLN A 2 5.57 -6.87 -2.98
C GLN A 2 5.64 -5.34 -2.95
N CYS A 3 5.15 -4.76 -1.85
CA CYS A 3 4.91 -3.34 -1.68
C CYS A 3 5.35 -2.90 -0.28
N PRO A 4 5.93 -1.70 -0.10
CA PRO A 4 6.40 -1.20 1.18
C PRO A 4 5.38 -1.26 2.32
N HIS A 5 5.88 -1.31 3.56
CA HIS A 5 5.10 -1.44 4.78
C HIS A 5 4.19 -0.23 5.01
N PHE A 6 4.74 0.99 4.85
CA PHE A 6 4.03 2.23 5.15
C PHE A 6 2.69 2.34 4.41
N CYS A 7 2.61 1.76 3.21
CA CYS A 7 1.41 1.72 2.38
C CYS A 7 0.20 1.15 3.14
N TYR A 8 0.44 0.25 4.11
CA TYR A 8 -0.58 -0.43 4.88
C TYR A 8 -0.80 0.22 6.25
N GLU A 9 0.07 1.15 6.64
CA GLU A 9 -0.06 1.91 7.89
C GLU A 9 -0.88 3.17 7.59
N LEU A 10 -0.50 3.88 6.52
CA LEU A 10 -1.27 4.98 5.96
C LEU A 10 -2.48 4.34 5.27
N ASP A 11 -3.66 4.43 5.90
CA ASP A 11 -4.85 3.71 5.51
C ASP A 11 -5.60 4.45 4.39
N TYR A 12 -4.90 4.67 3.27
CA TYR A 12 -5.39 5.28 2.05
C TYR A 12 -4.42 4.91 0.93
N GLU A 13 -4.93 4.80 -0.31
CA GLU A 13 -4.20 4.24 -1.43
C GLU A 13 -3.29 5.28 -2.09
N LEU A 14 -2.26 5.74 -1.35
CA LEU A 14 -1.20 6.57 -1.90
C LEU A 14 -0.25 5.75 -2.78
N CYS A 15 -0.10 4.45 -2.47
CA CYS A 15 0.78 3.53 -3.19
C CYS A 15 0.01 2.88 -4.35
N PRO A 16 0.68 2.23 -5.30
CA PRO A 16 0.04 1.55 -6.42
C PRO A 16 -1.06 0.59 -6.01
N ASP A 17 -2.10 0.47 -6.84
CA ASP A 17 -3.29 -0.32 -6.56
C ASP A 17 -2.98 -1.77 -6.18
N VAL A 18 -1.99 -2.38 -6.86
CA VAL A 18 -1.60 -3.78 -6.67
C VAL A 18 -1.23 -4.11 -5.21
N CYS A 19 -0.75 -3.12 -4.45
CA CYS A 19 -0.47 -3.25 -3.03
C CYS A 19 -1.70 -3.79 -2.28
N TYR A 20 -2.88 -3.26 -2.62
CA TYR A 20 -4.13 -3.49 -1.91
C TYR A 20 -4.94 -4.55 -2.65
N VAL A 21 -5.07 -4.39 -3.98
CA VAL A 21 -5.69 -5.35 -4.87
C VAL A 21 -4.66 -6.44 -5.18
N NH2 A 22 -4.41 -7.32 -4.20
HN1 NH2 A 22 -3.73 -8.05 -4.35
HN2 NH2 A 22 -4.88 -7.21 -3.31
N VAL A 1 3.65 -7.35 1.39
CA VAL A 1 4.90 -8.12 1.50
C VAL A 1 5.85 -7.79 0.34
N GLN A 2 5.36 -7.90 -0.90
CA GLN A 2 6.04 -7.39 -2.08
C GLN A 2 6.03 -5.87 -2.07
N CYS A 3 4.92 -5.30 -1.57
CA CYS A 3 4.73 -3.88 -1.33
C CYS A 3 5.18 -3.57 0.11
N PRO A 4 5.86 -2.44 0.34
CA PRO A 4 6.41 -2.08 1.65
C PRO A 4 5.33 -1.62 2.65
N HIS A 5 5.72 -1.51 3.92
CA HIS A 5 4.83 -1.28 5.05
C HIS A 5 4.14 0.08 5.02
N PHE A 6 4.84 1.13 4.53
CA PHE A 6 4.35 2.51 4.59
C PHE A 6 3.07 2.70 3.77
N CYS A 7 2.84 1.82 2.79
CA CYS A 7 1.59 1.76 2.04
C CYS A 7 0.45 1.23 2.91
N TYR A 8 0.75 0.27 3.80
CA TYR A 8 -0.22 -0.41 4.64
C TYR A 8 -0.21 0.22 6.03
N GLU A 9 -0.55 1.51 6.08
CA GLU A 9 -0.68 2.28 7.31
C GLU A 9 -2.15 2.68 7.48
N LEU A 10 -2.59 2.80 8.74
CA LEU A 10 -3.97 3.07 9.09
C LEU A 10 -4.29 4.54 8.83
N ASP A 11 -3.47 5.43 9.40
CA ASP A 11 -3.67 6.87 9.39
C ASP A 11 -3.45 7.50 8.02
N TYR A 12 -2.81 6.80 7.07
CA TYR A 12 -2.66 7.27 5.70
C TYR A 12 -2.41 6.11 4.74
N GLU A 13 -2.89 6.26 3.50
CA GLU A 13 -2.66 5.35 2.39
C GLU A 13 -2.43 6.20 1.14
N LEU A 14 -1.57 5.72 0.22
CA LEU A 14 -1.08 6.52 -0.91
C LEU A 14 -0.65 5.68 -2.11
N CYS A 15 -0.42 4.36 -1.95
CA CYS A 15 0.19 3.52 -2.97
C CYS A 15 -0.87 2.92 -3.90
N PRO A 16 -0.51 2.55 -5.14
CA PRO A 16 -1.45 2.01 -6.11
C PRO A 16 -1.87 0.57 -5.80
N ASP A 17 -2.75 0.03 -6.66
CA ASP A 17 -3.43 -1.25 -6.49
C ASP A 17 -2.49 -2.46 -6.40
N VAL A 18 -1.21 -2.33 -6.83
CA VAL A 18 -0.21 -3.37 -6.65
C VAL A 18 -0.07 -3.75 -5.17
N CYS A 19 -0.28 -2.77 -4.28
CA CYS A 19 -0.36 -2.99 -2.85
C CYS A 19 -1.76 -3.44 -2.48
N TYR A 20 -2.78 -2.70 -2.94
CA TYR A 20 -4.16 -2.86 -2.50
C TYR A 20 -4.91 -3.73 -3.51
N VAL A 21 -4.44 -4.96 -3.68
CA VAL A 21 -4.99 -5.94 -4.61
C VAL A 21 -6.42 -6.33 -4.24
N NH2 A 22 -6.73 -6.42 -2.94
HN1 NH2 A 22 -7.67 -6.67 -2.66
HN2 NH2 A 22 -6.03 -6.22 -2.25
N VAL A 1 2.70 -7.64 -5.32
CA VAL A 1 1.69 -7.14 -4.37
C VAL A 1 2.30 -6.79 -3.00
N GLN A 2 3.40 -7.45 -2.61
CA GLN A 2 4.07 -7.23 -1.34
C GLN A 2 4.90 -5.95 -1.40
N CYS A 3 4.25 -4.80 -1.21
CA CYS A 3 4.89 -3.49 -1.23
C CYS A 3 5.38 -3.12 0.18
N PRO A 4 6.11 -2.01 0.36
CA PRO A 4 6.61 -1.59 1.67
C PRO A 4 5.49 -1.36 2.70
N HIS A 5 5.87 -1.37 3.99
CA HIS A 5 4.95 -1.23 5.11
C HIS A 5 4.15 0.07 5.04
N PHE A 6 4.79 1.16 4.60
CA PHE A 6 4.19 2.50 4.61
C PHE A 6 2.90 2.57 3.78
N CYS A 7 2.73 1.67 2.81
CA CYS A 7 1.51 1.53 2.04
C CYS A 7 0.31 1.19 2.93
N TYR A 8 0.50 0.28 3.89
CA TYR A 8 -0.59 -0.32 4.66
C TYR A 8 -0.72 0.32 6.04
N GLU A 9 -0.47 1.63 6.14
CA GLU A 9 -0.63 2.40 7.37
C GLU A 9 -2.05 2.95 7.44
N LEU A 10 -2.46 3.64 6.37
CA LEU A 10 -3.80 4.18 6.20
C LEU A 10 -4.56 3.29 5.21
N ASP A 11 -5.89 3.37 5.27
CA ASP A 11 -6.80 2.54 4.50
C ASP A 11 -6.65 2.78 3.00
N TYR A 12 -6.61 4.05 2.58
CA TYR A 12 -6.63 4.41 1.16
C TYR A 12 -5.34 4.02 0.43
N GLU A 13 -5.39 4.14 -0.89
CA GLU A 13 -4.33 3.72 -1.80
C GLU A 13 -3.20 4.76 -1.81
N LEU A 14 -2.41 4.79 -0.72
CA LEU A 14 -1.18 5.55 -0.62
C LEU A 14 -0.25 5.14 -1.76
N CYS A 15 -0.02 3.83 -1.91
CA CYS A 15 0.78 3.23 -2.97
C CYS A 15 -0.14 2.86 -4.14
N PRO A 16 0.40 2.42 -5.29
CA PRO A 16 -0.40 1.93 -6.42
C PRO A 16 -1.33 0.78 -6.00
N ASP A 17 -2.50 0.70 -6.63
CA ASP A 17 -3.59 -0.18 -6.24
C ASP A 17 -3.18 -1.66 -6.11
N VAL A 18 -2.27 -2.12 -6.98
CA VAL A 18 -1.76 -3.48 -7.02
C VAL A 18 -1.26 -3.95 -5.65
N CYS A 19 -0.68 -3.04 -4.86
CA CYS A 19 -0.17 -3.33 -3.52
C CYS A 19 -1.26 -3.91 -2.61
N TYR A 20 -2.51 -3.46 -2.79
CA TYR A 20 -3.64 -3.80 -1.94
C TYR A 20 -4.47 -4.90 -2.60
N VAL A 21 -4.78 -4.72 -3.89
CA VAL A 21 -5.61 -5.64 -4.66
C VAL A 21 -5.31 -5.51 -6.17
N NH2 A 22 -5.23 -4.28 -6.69
HN1 NH2 A 22 -5.04 -4.17 -7.68
HN2 NH2 A 22 -5.31 -3.47 -6.09
N VAL A 1 9.57 -7.40 -0.03
CA VAL A 1 8.14 -7.10 0.22
C VAL A 1 7.39 -6.85 -1.10
N GLN A 2 6.07 -7.06 -1.06
CA GLN A 2 5.19 -6.83 -2.21
C GLN A 2 5.14 -5.34 -2.51
N CYS A 3 4.90 -4.53 -1.47
CA CYS A 3 5.02 -3.08 -1.47
C CYS A 3 5.61 -2.65 -0.13
N PRO A 4 6.16 -1.42 -0.01
CA PRO A 4 6.61 -0.88 1.27
C PRO A 4 5.56 -0.98 2.36
N HIS A 5 6.01 -1.22 3.61
CA HIS A 5 5.15 -1.46 4.76
C HIS A 5 4.14 -0.33 4.98
N PHE A 6 4.57 0.93 4.78
CA PHE A 6 3.71 2.09 4.98
C PHE A 6 2.47 2.07 4.10
N CYS A 7 2.50 1.40 2.95
CA CYS A 7 1.33 1.26 2.08
C CYS A 7 0.19 0.51 2.79
N TYR A 8 0.50 -0.34 3.77
CA TYR A 8 -0.47 -1.15 4.49
C TYR A 8 -0.84 -0.52 5.84
N GLU A 9 -0.13 0.55 6.25
CA GLU A 9 -0.48 1.36 7.40
C GLU A 9 -1.41 2.48 6.93
N LEU A 10 -0.98 3.20 5.90
CA LEU A 10 -1.72 4.27 5.25
C LEU A 10 -2.78 3.63 4.34
N ASP A 11 -3.97 3.42 4.89
CA ASP A 11 -5.07 2.72 4.24
C ASP A 11 -5.85 3.65 3.31
N TYR A 12 -5.12 4.22 2.34
CA TYR A 12 -5.63 5.01 1.24
C TYR A 12 -4.60 4.87 0.12
N GLU A 13 -5.06 4.85 -1.15
CA GLU A 13 -4.23 4.49 -2.29
C GLU A 13 -3.24 5.59 -2.70
N LEU A 14 -2.17 5.77 -1.91
CA LEU A 14 -1.03 6.59 -2.29
C LEU A 14 -0.03 5.74 -3.06
N CYS A 15 0.08 4.46 -2.71
CA CYS A 15 0.91 3.49 -3.41
C CYS A 15 0.09 2.85 -4.53
N PRO A 16 0.72 2.17 -5.51
CA PRO A 16 0.01 1.49 -6.60
C PRO A 16 -1.09 0.54 -6.13
N ASP A 17 -2.08 0.30 -7.00
CA ASP A 17 -3.27 -0.48 -6.73
C ASP A 17 -2.96 -1.86 -6.13
N VAL A 18 -1.93 -2.55 -6.65
CA VAL A 18 -1.54 -3.87 -6.21
C VAL A 18 -1.25 -3.94 -4.71
N CYS A 19 -0.83 -2.82 -4.10
CA CYS A 19 -0.54 -2.73 -2.67
C CYS A 19 -1.80 -2.78 -1.80
N TYR A 20 -2.99 -2.91 -2.41
CA TYR A 20 -4.28 -2.98 -1.74
C TYR A 20 -5.09 -4.11 -2.35
N VAL A 21 -5.25 -4.09 -3.69
CA VAL A 21 -5.88 -5.14 -4.47
C VAL A 21 -4.86 -6.27 -4.65
N NH2 A 22 -4.67 -7.06 -3.60
HN1 NH2 A 22 -4.00 -7.83 -3.66
HN2 NH2 A 22 -5.16 -6.89 -2.73
N VAL A 1 4.21 -6.21 -5.22
CA VAL A 1 5.66 -6.41 -4.99
C VAL A 1 6.27 -5.20 -4.29
N GLN A 2 6.27 -4.05 -5.00
CA GLN A 2 6.81 -2.80 -4.50
C GLN A 2 5.81 -2.11 -3.56
N CYS A 3 5.57 -2.74 -2.40
CA CYS A 3 4.57 -2.32 -1.43
C CYS A 3 5.20 -2.27 -0.04
N PRO A 4 5.89 -1.17 0.32
CA PRO A 4 6.48 -0.98 1.64
C PRO A 4 5.45 -1.09 2.77
N HIS A 5 5.94 -1.33 3.98
CA HIS A 5 5.12 -1.47 5.19
C HIS A 5 4.20 -0.25 5.38
N PHE A 6 4.72 0.96 5.17
CA PHE A 6 3.96 2.19 5.36
C PHE A 6 2.71 2.24 4.47
N CYS A 7 2.74 1.65 3.27
CA CYS A 7 1.58 1.59 2.40
C CYS A 7 0.48 0.65 2.92
N TYR A 8 0.78 -0.18 3.93
CA TYR A 8 -0.21 -1.02 4.61
C TYR A 8 -0.67 -0.38 5.92
N GLU A 9 -0.04 0.72 6.37
CA GLU A 9 -0.52 1.54 7.46
C GLU A 9 -1.44 2.63 6.88
N LEU A 10 -0.96 3.29 5.83
CA LEU A 10 -1.65 4.35 5.11
C LEU A 10 -2.65 3.72 4.14
N ASP A 11 -3.94 3.76 4.51
CA ASP A 11 -5.03 3.18 3.76
C ASP A 11 -5.14 3.77 2.34
N TYR A 12 -5.02 5.11 2.23
CA TYR A 12 -5.08 5.79 0.95
C TYR A 12 -3.96 5.28 0.03
N GLU A 13 -4.28 5.12 -1.25
CA GLU A 13 -3.45 4.42 -2.21
C GLU A 13 -2.33 5.30 -2.77
N LEU A 14 -1.36 5.68 -1.92
CA LEU A 14 -0.13 6.32 -2.37
C LEU A 14 0.76 5.33 -3.13
N CYS A 15 0.66 4.03 -2.80
CA CYS A 15 1.32 2.97 -3.54
C CYS A 15 0.40 2.49 -4.67
N PRO A 16 0.95 1.78 -5.68
CA PRO A 16 0.17 1.12 -6.72
C PRO A 16 -1.00 0.32 -6.16
N ASP A 17 -2.15 0.40 -6.85
CA ASP A 17 -3.43 -0.18 -6.42
C ASP A 17 -3.32 -1.68 -6.15
N VAL A 18 -2.47 -2.40 -6.91
CA VAL A 18 -2.22 -3.82 -6.76
C VAL A 18 -1.78 -4.21 -5.35
N CYS A 19 -1.12 -3.29 -4.62
CA CYS A 19 -0.72 -3.50 -3.23
C CYS A 19 -1.94 -3.74 -2.34
N TYR A 20 -3.07 -3.10 -2.65
CA TYR A 20 -4.28 -3.13 -1.86
C TYR A 20 -5.23 -4.16 -2.46
N VAL A 21 -4.78 -5.43 -2.42
CA VAL A 21 -5.54 -6.59 -2.88
C VAL A 21 -6.90 -6.68 -2.16
N NH2 A 22 -7.90 -7.24 -2.84
HN1 NH2 A 22 -8.81 -7.32 -2.39
HN2 NH2 A 22 -7.76 -7.57 -3.78
N VAL A 1 4.44 -4.98 -7.78
CA VAL A 1 3.41 -5.87 -7.20
C VAL A 1 3.35 -5.69 -5.68
N GLN A 2 4.45 -6.02 -4.99
CA GLN A 2 4.57 -5.85 -3.55
C GLN A 2 4.75 -4.37 -3.19
N CYS A 3 4.70 -4.08 -1.88
CA CYS A 3 4.85 -2.74 -1.34
C CYS A 3 5.48 -2.80 0.05
N PRO A 4 6.17 -1.73 0.48
CA PRO A 4 6.70 -1.59 1.84
C PRO A 4 5.58 -1.33 2.84
N HIS A 5 5.88 -1.50 4.13
CA HIS A 5 4.90 -1.46 5.21
C HIS A 5 4.14 -0.14 5.27
N PHE A 6 4.80 0.99 5.01
CA PHE A 6 4.20 2.33 5.15
C PHE A 6 3.01 2.54 4.21
N CYS A 7 2.91 1.75 3.14
CA CYS A 7 1.73 1.74 2.26
C CYS A 7 0.50 1.23 3.01
N TYR A 8 0.68 0.26 3.90
CA TYR A 8 -0.40 -0.43 4.59
C TYR A 8 -0.58 0.21 5.97
N GLU A 9 -1.04 1.47 5.94
CA GLU A 9 -1.30 2.29 7.11
C GLU A 9 -2.71 2.86 7.02
N LEU A 10 -3.28 3.20 8.18
CA LEU A 10 -4.64 3.73 8.28
C LEU A 10 -4.70 5.16 7.75
N ASP A 11 -3.77 5.99 8.22
CA ASP A 11 -3.73 7.43 7.95
C ASP A 11 -3.69 7.73 6.45
N TYR A 12 -3.04 6.88 5.65
CA TYR A 12 -2.92 7.07 4.21
C TYR A 12 -2.56 5.77 3.51
N GLU A 13 -2.92 5.67 2.22
CA GLU A 13 -2.62 4.55 1.34
C GLU A 13 -2.33 5.09 -0.06
N LEU A 14 -1.15 5.72 -0.23
CA LEU A 14 -0.80 6.48 -1.44
C LEU A 14 -0.19 5.62 -2.56
N CYS A 15 0.02 4.31 -2.31
CA CYS A 15 0.79 3.44 -3.19
C CYS A 15 -0.12 2.80 -4.26
N PRO A 16 0.43 2.06 -5.24
CA PRO A 16 -0.35 1.47 -6.33
C PRO A 16 -1.47 0.53 -5.88
N ASP A 17 -2.49 0.37 -6.73
CA ASP A 17 -3.66 -0.45 -6.47
C ASP A 17 -3.29 -1.94 -6.29
N VAL A 18 -2.33 -2.43 -7.09
CA VAL A 18 -1.88 -3.83 -7.06
C VAL A 18 -1.36 -4.23 -5.67
N CYS A 19 -0.79 -3.29 -4.92
CA CYS A 19 -0.36 -3.52 -3.54
C CYS A 19 -1.56 -3.84 -2.66
N TYR A 20 -2.69 -3.17 -2.90
CA TYR A 20 -3.92 -3.33 -2.14
C TYR A 20 -4.91 -4.24 -2.87
N VAL A 21 -4.42 -5.25 -3.60
CA VAL A 21 -5.25 -6.19 -4.33
C VAL A 21 -6.05 -7.06 -3.34
N NH2 A 22 -7.31 -7.34 -3.67
HN1 NH2 A 22 -7.88 -7.90 -3.04
HN2 NH2 A 22 -7.71 -6.99 -4.52
N VAL A 1 5.38 -9.74 1.19
CA VAL A 1 4.49 -8.59 0.98
C VAL A 1 4.69 -7.97 -0.41
N GLN A 2 3.64 -7.36 -0.95
CA GLN A 2 3.63 -6.81 -2.30
C GLN A 2 4.52 -5.56 -2.39
N CYS A 3 4.40 -4.68 -1.39
CA CYS A 3 4.97 -3.34 -1.38
C CYS A 3 5.44 -3.00 0.05
N PRO A 4 6.14 -1.89 0.28
CA PRO A 4 6.62 -1.50 1.60
C PRO A 4 5.51 -1.33 2.65
N HIS A 5 5.91 -1.32 3.93
CA HIS A 5 5.02 -1.27 5.07
C HIS A 5 4.12 -0.02 5.05
N PHE A 6 4.68 1.13 4.66
CA PHE A 6 4.01 2.42 4.73
C PHE A 6 2.75 2.49 3.85
N CYS A 7 2.65 1.60 2.86
CA CYS A 7 1.46 1.45 2.04
C CYS A 7 0.24 1.10 2.90
N TYR A 8 0.43 0.24 3.91
CA TYR A 8 -0.64 -0.35 4.70
C TYR A 8 -0.78 0.41 6.01
N GLU A 9 -1.02 1.72 5.92
CA GLU A 9 -1.25 2.62 7.04
C GLU A 9 -2.61 3.29 6.88
N LEU A 10 -3.05 3.97 7.94
CA LEU A 10 -4.33 4.69 7.99
C LEU A 10 -4.15 6.15 7.61
N ASP A 11 -3.04 6.76 8.03
CA ASP A 11 -2.72 8.15 7.78
C ASP A 11 -2.64 8.46 6.28
N TYR A 12 -2.32 7.45 5.46
CA TYR A 12 -2.28 7.55 4.00
C TYR A 12 -2.16 6.16 3.37
N GLU A 13 -2.57 6.05 2.12
CA GLU A 13 -2.45 4.86 1.28
C GLU A 13 -1.87 5.31 -0.06
N LEU A 14 -0.63 5.79 -0.04
CA LEU A 14 0.00 6.47 -1.18
C LEU A 14 0.49 5.54 -2.29
N CYS A 15 0.43 4.21 -2.09
CA CYS A 15 1.01 3.24 -3.00
C CYS A 15 0.00 2.83 -4.09
N PRO A 16 0.46 2.30 -5.23
CA PRO A 16 -0.40 1.79 -6.29
C PRO A 16 -1.43 0.75 -5.83
N ASP A 17 -2.51 0.62 -6.61
CA ASP A 17 -3.64 -0.25 -6.33
C ASP A 17 -3.22 -1.72 -6.13
N VAL A 18 -2.30 -2.20 -6.97
CA VAL A 18 -1.82 -3.58 -6.96
C VAL A 18 -1.25 -4.01 -5.60
N CYS A 19 -0.70 -3.06 -4.82
CA CYS A 19 -0.21 -3.32 -3.48
C CYS A 19 -1.31 -3.87 -2.58
N TYR A 20 -2.54 -3.40 -2.77
CA TYR A 20 -3.69 -3.69 -1.91
C TYR A 20 -4.53 -4.80 -2.52
N VAL A 21 -4.75 -4.74 -3.85
CA VAL A 21 -5.53 -5.69 -4.61
C VAL A 21 -4.81 -5.95 -5.94
N NH2 A 22 -3.80 -6.82 -5.91
HN1 NH2 A 22 -3.28 -7.02 -6.76
HN2 NH2 A 22 -3.54 -7.26 -5.05
N VAL A 1 6.99 -4.73 -7.86
CA VAL A 1 5.77 -5.51 -7.57
C VAL A 1 5.46 -5.56 -6.08
N GLN A 2 6.48 -5.78 -5.23
CA GLN A 2 6.34 -5.80 -3.79
C GLN A 2 5.91 -4.43 -3.27
N CYS A 3 4.94 -4.42 -2.35
CA CYS A 3 4.38 -3.19 -1.79
C CYS A 3 5.18 -2.77 -0.54
N PRO A 4 5.61 -1.50 -0.44
CA PRO A 4 6.20 -0.96 0.78
C PRO A 4 5.28 -1.12 2.00
N HIS A 5 5.89 -1.25 3.19
CA HIS A 5 5.17 -1.53 4.42
C HIS A 5 4.29 -0.36 4.86
N PHE A 6 4.79 0.89 4.72
CA PHE A 6 4.10 2.10 5.15
C PHE A 6 2.70 2.22 4.56
N CYS A 7 2.50 1.69 3.34
CA CYS A 7 1.23 1.68 2.63
C CYS A 7 0.10 1.05 3.46
N TYR A 8 0.45 0.13 4.37
CA TYR A 8 -0.47 -0.58 5.25
C TYR A 8 -0.51 0.02 6.66
N GLU A 9 0.41 0.93 6.99
CA GLU A 9 0.44 1.61 8.28
C GLU A 9 -0.42 2.86 8.19
N LEU A 10 -0.20 3.67 7.13
CA LEU A 10 -1.04 4.78 6.78
C LEU A 10 -2.39 4.21 6.32
N ASP A 11 -3.47 4.66 6.97
CA ASP A 11 -4.84 4.36 6.60
C ASP A 11 -5.11 4.64 5.13
N TYR A 12 -4.54 5.76 4.67
CA TYR A 12 -4.83 6.35 3.38
C TYR A 12 -4.32 5.51 2.21
N GLU A 13 -5.02 5.63 1.07
CA GLU A 13 -4.72 4.93 -0.16
C GLU A 13 -3.96 5.88 -1.08
N LEU A 14 -2.69 5.57 -1.33
CA LEU A 14 -1.79 6.39 -2.15
C LEU A 14 -0.71 5.58 -2.88
N CYS A 15 -0.50 4.31 -2.49
CA CYS A 15 0.51 3.46 -3.10
C CYS A 15 -0.09 2.74 -4.31
N PRO A 16 0.75 2.20 -5.24
CA PRO A 16 0.28 1.49 -6.42
C PRO A 16 -0.73 0.39 -6.13
N ASP A 17 -1.64 0.18 -7.09
CA ASP A 17 -2.81 -0.70 -6.98
C ASP A 17 -2.50 -2.06 -6.36
N VAL A 18 -1.38 -2.68 -6.76
CA VAL A 18 -0.92 -3.99 -6.30
C VAL A 18 -0.98 -4.13 -4.77
N CYS A 19 -0.70 -3.05 -4.03
CA CYS A 19 -0.75 -3.03 -2.58
C CYS A 19 -2.11 -3.48 -2.04
N TYR A 20 -3.17 -2.85 -2.53
CA TYR A 20 -4.51 -2.98 -1.98
C TYR A 20 -5.32 -3.96 -2.84
N VAL A 21 -5.36 -3.71 -4.15
CA VAL A 21 -5.93 -4.62 -5.14
C VAL A 21 -4.83 -5.64 -5.49
N NH2 A 22 -4.57 -6.57 -4.57
HN1 NH2 A 22 -3.85 -7.25 -4.75
HN2 NH2 A 22 -5.07 -6.56 -3.69
N VAL A 1 1.18 -7.47 -5.36
CA VAL A 1 1.59 -8.08 -4.08
C VAL A 1 2.84 -7.42 -3.48
N GLN A 2 3.85 -7.15 -4.33
CA GLN A 2 5.10 -6.53 -3.90
C GLN A 2 4.84 -5.09 -3.49
N CYS A 3 4.84 -4.83 -2.18
CA CYS A 3 4.44 -3.56 -1.61
C CYS A 3 5.21 -3.31 -0.30
N PRO A 4 5.74 -2.09 -0.06
CA PRO A 4 6.41 -1.74 1.18
C PRO A 4 5.41 -1.48 2.31
N HIS A 5 5.91 -1.45 3.54
CA HIS A 5 5.11 -1.43 4.76
C HIS A 5 4.29 -0.15 4.93
N PHE A 6 4.86 1.03 4.62
CA PHE A 6 4.23 2.32 4.86
C PHE A 6 2.85 2.43 4.22
N CYS A 7 2.64 1.77 3.08
CA CYS A 7 1.37 1.72 2.37
C CYS A 7 0.24 1.14 3.24
N TYR A 8 0.58 0.22 4.15
CA TYR A 8 -0.36 -0.46 5.04
C TYR A 8 -0.38 0.16 6.44
N GLU A 9 0.47 1.16 6.71
CA GLU A 9 0.40 1.97 7.92
C GLU A 9 -0.49 3.17 7.62
N LEU A 10 -0.23 3.81 6.48
CA LEU A 10 -0.99 4.92 5.92
C LEU A 10 -2.13 4.32 5.09
N ASP A 11 -3.20 3.90 5.79
CA ASP A 11 -4.32 3.12 5.27
C ASP A 11 -5.32 4.00 4.53
N TYR A 12 -4.84 4.56 3.43
CA TYR A 12 -5.63 5.28 2.43
C TYR A 12 -5.00 5.06 1.06
N GLU A 13 -5.60 5.63 0.01
CA GLU A 13 -5.14 5.46 -1.36
C GLU A 13 -3.87 6.29 -1.61
N LEU A 14 -2.76 5.77 -1.10
CA LEU A 14 -1.42 6.34 -1.20
C LEU A 14 -0.66 5.63 -2.30
N CYS A 15 -0.53 4.31 -2.17
CA CYS A 15 0.25 3.45 -3.07
C CYS A 15 -0.65 2.84 -4.16
N PRO A 16 -0.09 2.20 -5.20
CA PRO A 16 -0.88 1.64 -6.29
C PRO A 16 -1.67 0.39 -5.89
N ASP A 17 -2.42 -0.15 -6.85
CA ASP A 17 -3.19 -1.39 -6.71
C ASP A 17 -2.31 -2.58 -6.35
N VAL A 18 -1.01 -2.54 -6.67
CA VAL A 18 -0.05 -3.57 -6.27
C VAL A 18 -0.09 -3.81 -4.75
N CYS A 19 -0.38 -2.76 -3.98
CA CYS A 19 -0.60 -2.86 -2.54
C CYS A 19 -2.05 -3.22 -2.27
N TYR A 20 -2.95 -2.45 -2.86
CA TYR A 20 -4.38 -2.50 -2.59
C TYR A 20 -5.08 -3.32 -3.68
N VAL A 21 -4.71 -4.60 -3.76
CA VAL A 21 -5.15 -5.52 -4.80
C VAL A 21 -6.67 -5.70 -4.73
N NH2 A 22 -7.40 -5.05 -5.64
HN1 NH2 A 22 -8.41 -5.14 -5.62
HN2 NH2 A 22 -6.95 -4.44 -6.29
N VAL A 1 0.68 -8.46 1.87
CA VAL A 1 1.83 -7.53 1.85
C VAL A 1 2.71 -7.83 0.65
N GLN A 2 2.80 -6.88 -0.29
CA GLN A 2 3.63 -6.98 -1.49
C GLN A 2 4.24 -5.63 -1.87
N CYS A 3 4.32 -4.70 -0.91
CA CYS A 3 4.75 -3.32 -1.09
C CYS A 3 5.39 -2.86 0.22
N PRO A 4 6.17 -1.75 0.24
CA PRO A 4 6.79 -1.25 1.45
C PRO A 4 5.78 -0.93 2.56
N HIS A 5 6.22 -1.11 3.82
CA HIS A 5 5.42 -1.10 5.03
C HIS A 5 4.38 0.03 5.08
N PHE A 6 4.80 1.28 4.85
CA PHE A 6 3.96 2.46 5.01
C PHE A 6 2.64 2.37 4.22
N CYS A 7 2.66 1.67 3.07
CA CYS A 7 1.48 1.45 2.24
C CYS A 7 0.32 0.88 3.06
N TYR A 8 0.61 -0.03 4.00
CA TYR A 8 -0.40 -0.76 4.76
C TYR A 8 -0.61 -0.15 6.16
N GLU A 9 0.12 0.91 6.50
CA GLU A 9 -0.13 1.70 7.70
C GLU A 9 -1.11 2.80 7.29
N LEU A 10 -0.74 3.55 6.25
CA LEU A 10 -1.58 4.51 5.55
C LEU A 10 -2.38 3.70 4.53
N ASP A 11 -3.32 2.88 5.05
CA ASP A 11 -4.06 1.84 4.36
C ASP A 11 -5.22 2.41 3.53
N TYR A 12 -4.83 3.19 2.53
CA TYR A 12 -5.69 3.70 1.46
C TYR A 12 -4.87 3.71 0.18
N GLU A 13 -5.45 4.17 -0.94
CA GLU A 13 -4.78 4.18 -2.24
C GLU A 13 -3.71 5.29 -2.29
N LEU A 14 -2.60 5.03 -1.59
CA LEU A 14 -1.43 5.87 -1.49
C LEU A 14 -0.36 5.32 -2.44
N CYS A 15 -0.11 4.01 -2.31
CA CYS A 15 0.81 3.27 -3.17
C CYS A 15 0.01 2.73 -4.37
N PRO A 16 0.66 2.17 -5.41
CA PRO A 16 -0.02 1.60 -6.55
C PRO A 16 -1.10 0.60 -6.14
N ASP A 17 -2.25 0.63 -6.83
CA ASP A 17 -3.46 -0.11 -6.47
C ASP A 17 -3.18 -1.59 -6.23
N VAL A 18 -2.30 -2.20 -7.06
CA VAL A 18 -1.89 -3.59 -6.98
C VAL A 18 -1.46 -4.02 -5.57
N CYS A 19 -0.88 -3.10 -4.78
CA CYS A 19 -0.51 -3.35 -3.39
C CYS A 19 -1.71 -3.88 -2.58
N TYR A 20 -2.89 -3.31 -2.82
CA TYR A 20 -4.10 -3.54 -2.05
C TYR A 20 -5.01 -4.55 -2.76
N VAL A 21 -5.21 -4.36 -4.07
CA VAL A 21 -6.03 -5.23 -4.89
C VAL A 21 -5.56 -5.13 -6.35
N NH2 A 22 -5.40 -6.28 -7.02
HN1 NH2 A 22 -5.60 -7.16 -6.56
HN2 NH2 A 22 -5.08 -6.26 -7.98
N VAL A 1 10.55 -7.64 -3.51
CA VAL A 1 9.48 -8.29 -4.30
C VAL A 1 8.09 -8.06 -3.71
N GLN A 2 7.87 -6.87 -3.14
CA GLN A 2 6.62 -6.47 -2.50
C GLN A 2 6.59 -4.96 -2.34
N CYS A 3 5.44 -4.43 -1.92
CA CYS A 3 5.24 -3.00 -1.66
C CYS A 3 5.61 -2.72 -0.20
N PRO A 4 6.10 -1.51 0.12
CA PRO A 4 6.58 -1.18 1.46
C PRO A 4 5.45 -1.18 2.49
N HIS A 5 5.85 -1.37 3.76
CA HIS A 5 4.93 -1.59 4.87
C HIS A 5 4.08 -0.36 5.17
N PHE A 6 4.69 0.83 5.18
CA PHE A 6 4.04 2.09 5.56
C PHE A 6 2.78 2.38 4.76
N CYS A 7 2.71 1.94 3.50
CA CYS A 7 1.53 2.09 2.65
C CYS A 7 0.27 1.48 3.26
N TYR A 8 0.42 0.50 4.16
CA TYR A 8 -0.68 -0.20 4.81
C TYR A 8 -0.94 0.35 6.22
N GLU A 9 0.06 0.99 6.84
CA GLU A 9 -0.05 1.48 8.20
C GLU A 9 -0.59 2.91 8.22
N LEU A 10 -0.06 3.77 7.35
CA LEU A 10 -0.47 5.16 7.23
C LEU A 10 -1.85 5.23 6.57
N ASP A 11 -2.55 6.32 6.86
CA ASP A 11 -3.78 6.71 6.19
C ASP A 11 -3.53 6.84 4.69
N TYR A 12 -2.44 7.53 4.35
CA TYR A 12 -2.13 7.94 3.01
C TYR A 12 -1.58 6.78 2.20
N GLU A 13 -2.29 6.41 1.14
CA GLU A 13 -1.99 5.24 0.32
C GLU A 13 -1.05 5.64 -0.83
N LEU A 14 0.21 5.96 -0.50
CA LEU A 14 1.24 6.26 -1.49
C LEU A 14 1.82 5.00 -2.14
N CYS A 15 0.94 4.13 -2.63
CA CYS A 15 1.28 2.91 -3.35
C CYS A 15 0.21 2.67 -4.42
N PRO A 16 0.56 1.98 -5.53
CA PRO A 16 -0.38 1.64 -6.58
C PRO A 16 -1.40 0.60 -6.10
N ASP A 17 -2.55 0.56 -6.78
CA ASP A 17 -3.71 -0.25 -6.42
C ASP A 17 -3.36 -1.72 -6.18
N VAL A 18 -2.50 -2.30 -7.04
CA VAL A 18 -2.10 -3.69 -6.99
C VAL A 18 -1.59 -4.13 -5.62
N CYS A 19 -0.92 -3.24 -4.88
CA CYS A 19 -0.41 -3.51 -3.54
C CYS A 19 -1.51 -3.94 -2.58
N TYR A 20 -2.73 -3.42 -2.77
CA TYR A 20 -3.88 -3.67 -1.91
C TYR A 20 -4.76 -4.74 -2.57
N VAL A 21 -5.07 -4.54 -3.86
CA VAL A 21 -5.82 -5.47 -4.68
C VAL A 21 -4.85 -6.55 -5.19
N NH2 A 22 -4.43 -7.44 -4.29
HN1 NH2 A 22 -3.79 -8.17 -4.57
HN2 NH2 A 22 -4.75 -7.38 -3.34
N VAL A 1 0.70 -6.36 -2.40
CA VAL A 1 1.56 -7.56 -2.41
C VAL A 1 3.03 -7.15 -2.55
N GLN A 2 3.46 -6.80 -3.77
CA GLN A 2 4.78 -6.26 -4.05
C GLN A 2 4.73 -4.76 -3.70
N CYS A 3 4.70 -4.47 -2.39
CA CYS A 3 4.41 -3.14 -1.86
C CYS A 3 5.12 -2.94 -0.52
N PRO A 4 5.68 -1.74 -0.24
CA PRO A 4 6.37 -1.46 1.01
C PRO A 4 5.38 -1.31 2.19
N HIS A 5 5.94 -1.35 3.41
CA HIS A 5 5.21 -1.42 4.66
C HIS A 5 4.27 -0.23 4.90
N PHE A 6 4.75 0.99 4.67
CA PHE A 6 4.06 2.22 5.05
C PHE A 6 2.66 2.34 4.42
N CYS A 7 2.47 1.76 3.22
CA CYS A 7 1.21 1.72 2.51
C CYS A 7 0.12 0.99 3.31
N TYR A 8 0.51 0.11 4.23
CA TYR A 8 -0.40 -0.65 5.08
C TYR A 8 -0.54 -0.04 6.48
N GLU A 9 0.31 0.95 6.82
CA GLU A 9 0.22 1.69 8.07
C GLU A 9 -0.69 2.88 7.86
N LEU A 10 -0.49 3.60 6.75
CA LEU A 10 -1.35 4.66 6.28
C LEU A 10 -2.60 4.02 5.68
N ASP A 11 -3.77 4.49 6.12
CA ASP A 11 -5.06 4.14 5.52
C ASP A 11 -5.06 4.47 4.04
N TYR A 12 -4.57 5.68 3.75
CA TYR A 12 -4.66 6.35 2.47
C TYR A 12 -4.00 5.58 1.33
N GLU A 13 -4.67 5.57 0.17
CA GLU A 13 -4.32 4.73 -0.98
C GLU A 13 -3.48 5.50 -2.01
N LEU A 14 -2.46 6.23 -1.53
CA LEU A 14 -1.49 6.91 -2.40
C LEU A 14 -0.56 5.95 -3.13
N CYS A 15 -0.46 4.69 -2.69
CA CYS A 15 0.48 3.73 -3.22
C CYS A 15 -0.13 2.96 -4.40
N PRO A 16 0.70 2.35 -5.27
CA PRO A 16 0.23 1.56 -6.42
C PRO A 16 -0.82 0.52 -6.06
N ASP A 17 -1.72 0.24 -7.02
CA ASP A 17 -2.89 -0.62 -6.88
C ASP A 17 -2.56 -1.99 -6.29
N VAL A 18 -1.44 -2.59 -6.71
CA VAL A 18 -0.98 -3.91 -6.29
C VAL A 18 -0.98 -4.07 -4.76
N CYS A 19 -0.68 -3.00 -4.02
CA CYS A 19 -0.69 -2.98 -2.56
C CYS A 19 -1.98 -3.53 -2.00
N TYR A 20 -3.11 -3.06 -2.52
CA TYR A 20 -4.44 -3.28 -1.97
C TYR A 20 -5.13 -4.41 -2.75
N VAL A 21 -5.06 -4.35 -4.09
CA VAL A 21 -5.49 -5.43 -4.96
C VAL A 21 -4.32 -6.42 -5.08
N NH2 A 22 -4.11 -7.20 -4.02
HN1 NH2 A 22 -4.69 -7.10 -3.21
HN2 NH2 A 22 -3.34 -7.87 -4.04
N VAL A 1 3.27 -9.52 -3.96
CA VAL A 1 4.26 -8.48 -4.28
C VAL A 1 5.03 -8.04 -3.03
N GLN A 2 6.30 -7.64 -3.21
CA GLN A 2 7.18 -7.17 -2.15
C GLN A 2 6.88 -5.69 -1.89
N CYS A 3 5.67 -5.40 -1.40
CA CYS A 3 5.18 -4.06 -1.16
C CYS A 3 5.53 -3.63 0.28
N PRO A 4 6.09 -2.43 0.49
CA PRO A 4 6.56 -1.98 1.80
C PRO A 4 5.42 -1.53 2.72
N HIS A 5 5.77 -1.29 3.99
CA HIS A 5 4.84 -1.05 5.09
C HIS A 5 4.02 0.23 4.94
N PHE A 6 4.66 1.34 4.54
CA PHE A 6 4.03 2.65 4.45
C PHE A 6 2.81 2.69 3.53
N CYS A 7 2.72 1.74 2.58
CA CYS A 7 1.57 1.54 1.73
C CYS A 7 0.34 1.14 2.55
N TYR A 8 0.52 0.31 3.57
CA TYR A 8 -0.58 -0.31 4.31
C TYR A 8 -0.84 0.50 5.58
N GLU A 9 -1.18 1.78 5.37
CA GLU A 9 -1.47 2.76 6.40
C GLU A 9 -2.82 3.37 6.07
N LEU A 10 -3.81 3.19 6.95
CA LEU A 10 -5.14 3.76 6.79
C LEU A 10 -5.08 5.28 6.73
N ASP A 11 -4.21 5.86 7.58
CA ASP A 11 -3.95 7.30 7.62
C ASP A 11 -3.48 7.84 6.27
N TYR A 12 -2.80 7.01 5.46
CA TYR A 12 -2.32 7.40 4.14
C TYR A 12 -2.07 6.18 3.26
N GLU A 13 -3.05 5.86 2.41
CA GLU A 13 -2.94 4.81 1.40
C GLU A 13 -2.10 5.38 0.25
N LEU A 14 -0.79 5.44 0.50
CA LEU A 14 0.23 6.12 -0.28
C LEU A 14 0.42 5.53 -1.68
N CYS A 15 0.47 4.19 -1.75
CA CYS A 15 0.89 3.44 -2.93
C CYS A 15 -0.30 3.16 -3.86
N PRO A 16 -0.04 2.78 -5.13
CA PRO A 16 -1.08 2.41 -6.08
C PRO A 16 -1.68 1.03 -5.78
N ASP A 17 -2.81 0.75 -6.45
CA ASP A 17 -3.71 -0.38 -6.21
C ASP A 17 -3.03 -1.74 -6.10
N VAL A 18 -1.92 -1.97 -6.82
CA VAL A 18 -1.24 -3.27 -6.90
C VAL A 18 -0.98 -3.88 -5.52
N CYS A 19 -0.54 -3.07 -4.55
CA CYS A 19 -0.26 -3.50 -3.19
C CYS A 19 -1.48 -4.09 -2.48
N TYR A 20 -2.67 -3.58 -2.76
CA TYR A 20 -3.89 -3.84 -2.02
C TYR A 20 -4.70 -4.92 -2.73
N VAL A 21 -4.78 -4.85 -4.06
CA VAL A 21 -5.41 -5.85 -4.91
C VAL A 21 -4.60 -7.15 -4.84
N NH2 A 22 -3.28 -7.06 -5.02
HN1 NH2 A 22 -2.84 -6.17 -5.18
HN2 NH2 A 22 -2.72 -7.90 -4.99
#